data_9J1G
#
_entry.id   9J1G
#
_cell.length_a   108.386
_cell.length_b   108.386
_cell.length_c   44.628
_cell.angle_alpha   90.000
_cell.angle_beta   90.000
_cell.angle_gamma   120.000
#
_symmetry.space_group_name_H-M   'P 63'
#
loop_
_entity.id
_entity.type
_entity.pdbx_description
1 polymer 'Alpha/beta hydrolase fold-3 domain-containing protein'
2 non-polymer 1,2-ETHANEDIOL
3 non-polymer 'PHTHALIC ACID'
4 water water
#
_entity_poly.entity_id   1
_entity_poly.type   'polypeptide(L)'
_entity_poly.pdbx_seq_one_letter_code
;HHHHHHMPLDPRVEQFLAQMPPLNREGLSLAEARQQFKQGALLLDQMVPPPPVDTEDGTVVTTHGPVRIRRYIPDRLRFS
HPLVFYHGGGFVFGDIDTHHGLVARLCQTVGATVISVDYSLAPEAKFPVPVAECIDVARWAAHEAPGWGLKPSIVVAGDS
AGGNLAAVVSQRAKDESLPIAAQLLFYPALDMVHETPSKRDFARGYLLEADAMQWFGEQYLRTPDDVSHPWASPALSPDL
TGLPPALVITAEYDPLRDEGEAYAEALRAAGVPTEQIRFDGMIHGFMTMPIFPQMEAAIEAVARFLERID
;
_entity_poly.pdbx_strand_id   A
#
# COMPACT_ATOMS: atom_id res chain seq x y z
N MET A 7 5.17 21.87 10.37
CA MET A 7 6.09 21.36 11.43
C MET A 7 7.44 21.03 10.78
N PRO A 8 8.62 21.25 11.41
CA PRO A 8 9.90 21.08 10.70
C PRO A 8 10.05 19.69 10.09
N LEU A 9 10.86 19.58 9.05
CA LEU A 9 11.22 18.25 8.57
C LEU A 9 11.91 17.48 9.70
N ASP A 10 11.64 16.19 9.77
CA ASP A 10 12.34 15.33 10.70
C ASP A 10 13.84 15.40 10.42
N PRO A 11 14.73 15.49 11.44
CA PRO A 11 16.16 15.59 11.12
C PRO A 11 16.76 14.48 10.27
N ARG A 12 16.42 13.21 10.56
CA ARG A 12 16.97 12.11 9.79
CA ARG A 12 16.96 12.09 9.79
C ARG A 12 16.45 12.13 8.35
N VAL A 13 15.18 12.53 8.17
CA VAL A 13 14.62 12.70 6.84
C VAL A 13 15.39 13.78 6.08
N GLU A 14 15.65 14.90 6.76
CA GLU A 14 16.38 16.00 6.16
C GLU A 14 17.73 15.48 5.66
N GLN A 15 18.42 14.68 6.50
CA GLN A 15 19.73 14.17 6.12
C GLN A 15 19.63 13.23 4.92
N PHE A 16 18.61 12.34 4.91
CA PHE A 16 18.39 11.42 3.81
C PHE A 16 18.18 12.18 2.50
N LEU A 17 17.34 13.21 2.51
CA LEU A 17 17.10 13.94 1.28
C LEU A 17 18.36 14.63 0.77
N ALA A 18 19.20 15.12 1.70
CA ALA A 18 20.40 15.84 1.34
C ALA A 18 21.44 14.96 0.64
N GLN A 19 21.39 13.64 0.86
CA GLN A 19 22.37 12.72 0.29
C GLN A 19 21.83 12.01 -0.95
N MET A 20 20.57 12.26 -1.30
CA MET A 20 20.00 12.16 -2.64
C MET A 20 18.79 11.21 -2.62
N LEU A 28 17.75 6.01 -18.05
CA LEU A 28 18.00 4.53 -18.05
C LEU A 28 16.78 3.79 -18.58
N SER A 29 16.98 2.51 -18.93
CA SER A 29 15.90 1.66 -19.41
C SER A 29 14.96 1.33 -18.26
N LEU A 30 13.81 0.79 -18.64
CA LEU A 30 12.84 0.31 -17.67
C LEU A 30 13.47 -0.76 -16.78
N ALA A 31 14.17 -1.73 -17.38
CA ALA A 31 14.79 -2.79 -16.60
C ALA A 31 15.80 -2.19 -15.63
N GLU A 32 16.55 -1.20 -16.11
CA GLU A 32 17.56 -0.57 -15.28
C GLU A 32 16.92 0.24 -14.16
N ALA A 33 15.77 0.89 -14.46
CA ALA A 33 15.11 1.70 -13.45
C ALA A 33 14.58 0.79 -12.33
N ARG A 34 14.09 -0.39 -12.72
CA ARG A 34 13.54 -1.36 -11.79
C ARG A 34 14.66 -1.88 -10.90
N GLN A 35 15.81 -2.18 -11.52
CA GLN A 35 16.95 -2.69 -10.78
CA GLN A 35 16.97 -2.67 -10.79
C GLN A 35 17.47 -1.63 -9.79
N GLN A 36 17.49 -0.37 -10.21
CA GLN A 36 17.95 0.71 -9.36
C GLN A 36 17.03 0.85 -8.13
N PHE A 37 15.72 0.75 -8.35
CA PHE A 37 14.77 0.81 -7.25
C PHE A 37 15.03 -0.33 -6.26
N LYS A 38 15.24 -1.54 -6.79
CA LYS A 38 15.46 -2.69 -5.91
C LYS A 38 16.78 -2.53 -5.15
N GLN A 39 17.82 -2.01 -5.81
CA GLN A 39 19.12 -1.82 -5.17
C GLN A 39 18.97 -0.88 -3.97
N GLY A 40 18.23 0.20 -4.15
CA GLY A 40 18.00 1.17 -3.08
C GLY A 40 17.30 0.54 -1.88
N ALA A 41 16.31 -0.30 -2.14
CA ALA A 41 15.57 -0.98 -1.07
C ALA A 41 16.49 -1.96 -0.34
N LEU A 42 17.35 -2.66 -1.10
CA LEU A 42 18.27 -3.59 -0.49
C LEU A 42 19.21 -2.83 0.45
N LEU A 43 19.68 -1.65 0.01
CA LEU A 43 20.62 -0.86 0.78
C LEU A 43 20.02 -0.48 2.13
N LEU A 44 18.78 -0.01 2.14
CA LEU A 44 18.16 0.39 3.39
C LEU A 44 17.98 -0.81 4.30
N ASP A 45 17.66 -1.98 3.71
CA ASP A 45 17.52 -3.17 4.53
C ASP A 45 18.86 -3.66 5.07
N GLN A 46 19.95 -3.40 4.34
CA GLN A 46 21.28 -3.67 4.87
C GLN A 46 21.58 -2.75 6.06
N MET A 47 21.14 -1.49 6.01
CA MET A 47 21.38 -0.54 7.08
C MET A 47 20.60 -0.93 8.33
N VAL A 48 19.38 -1.41 8.15
CA VAL A 48 18.54 -1.74 9.29
C VAL A 48 17.86 -3.08 9.00
N PRO A 49 18.54 -4.21 9.26
CA PRO A 49 18.04 -5.53 8.92
C PRO A 49 16.65 -5.85 9.43
N PRO A 50 15.85 -6.55 8.58
CA PRO A 50 14.54 -6.97 9.00
C PRO A 50 14.57 -8.06 10.04
N PRO A 51 13.47 -8.23 10.80
CA PRO A 51 13.41 -9.34 11.74
C PRO A 51 13.33 -10.65 10.97
N PRO A 52 13.96 -11.74 11.47
CA PRO A 52 13.74 -13.05 10.89
C PRO A 52 12.25 -13.40 10.93
N VAL A 53 11.80 -14.12 9.92
CA VAL A 53 10.41 -14.51 9.82
C VAL A 53 10.30 -15.70 8.88
N ASP A 54 9.47 -16.67 9.27
CA ASP A 54 9.16 -17.82 8.45
C ASP A 54 8.31 -17.38 7.25
N THR A 55 8.69 -17.84 6.06
CA THR A 55 7.92 -17.55 4.86
C THR A 55 7.75 -18.78 3.97
N GLU A 56 6.72 -18.73 3.13
CA GLU A 56 6.47 -19.76 2.14
C GLU A 56 6.04 -19.08 0.85
N ASP A 57 6.73 -19.38 -0.26
CA ASP A 57 6.38 -18.82 -1.55
C ASP A 57 5.28 -19.69 -2.19
N GLY A 58 4.44 -19.06 -2.98
CA GLY A 58 3.42 -19.77 -3.72
C GLY A 58 2.97 -18.96 -4.93
N THR A 59 1.99 -19.51 -5.64
CA THR A 59 1.43 -18.87 -6.82
C THR A 59 -0.09 -19.05 -6.78
N VAL A 60 -0.80 -17.94 -6.99
CA VAL A 60 -2.25 -17.92 -7.06
C VAL A 60 -2.67 -17.83 -8.51
N VAL A 61 -3.64 -18.69 -8.88
CA VAL A 61 -4.24 -18.61 -10.19
C VAL A 61 -5.29 -17.49 -10.21
N THR A 62 -5.02 -16.42 -10.97
CA THR A 62 -5.96 -15.32 -11.12
C THR A 62 -6.55 -15.36 -12.53
N THR A 63 -7.52 -14.46 -12.72
CA THR A 63 -8.19 -14.30 -14.00
C THR A 63 -7.26 -13.66 -15.05
N HIS A 64 -6.06 -13.21 -14.65
CA HIS A 64 -5.10 -12.61 -15.59
C HIS A 64 -3.80 -13.38 -15.63
N GLY A 65 -3.82 -14.57 -15.00
CA GLY A 65 -2.64 -15.41 -14.97
C GLY A 65 -2.14 -15.71 -13.55
N PRO A 66 -1.04 -16.47 -13.46
CA PRO A 66 -0.43 -16.76 -12.16
C PRO A 66 0.15 -15.48 -11.56
N VAL A 67 -0.06 -15.32 -10.26
CA VAL A 67 0.49 -14.22 -9.48
C VAL A 67 1.26 -14.82 -8.31
N ARG A 68 2.56 -14.54 -8.26
CA ARG A 68 3.38 -15.02 -7.15
C ARG A 68 2.99 -14.28 -5.87
N ILE A 69 3.03 -15.05 -4.78
CA ILE A 69 2.78 -14.54 -3.44
C ILE A 69 3.86 -15.11 -2.51
N ARG A 70 3.99 -14.44 -1.37
CA ARG A 70 4.79 -14.97 -0.27
C ARG A 70 3.95 -14.85 0.99
N ARG A 71 3.82 -15.96 1.71
CA ARG A 71 3.06 -15.97 2.94
C ARG A 71 4.03 -15.87 4.11
N TYR A 72 3.76 -14.92 4.99
CA TYR A 72 4.57 -14.66 6.17
C TYR A 72 3.86 -15.27 7.38
N ILE A 73 4.57 -16.07 8.19
CA ILE A 73 4.00 -16.76 9.34
C ILE A 73 4.64 -16.20 10.59
N PRO A 74 3.86 -15.56 11.50
CA PRO A 74 4.47 -14.95 12.68
C PRO A 74 4.96 -16.02 13.65
N ASP A 75 5.95 -15.64 14.48
CA ASP A 75 6.42 -16.54 15.51
C ASP A 75 5.25 -16.93 16.41
N ARG A 76 4.41 -15.94 16.73
CA ARG A 76 3.25 -16.15 17.56
C ARG A 76 2.03 -15.49 16.94
N LEU A 77 1.05 -16.30 16.56
CA LEU A 77 -0.14 -15.79 15.89
C LEU A 77 -1.05 -15.17 16.94
N ARG A 78 -1.39 -13.90 16.76
CA ARG A 78 -2.15 -13.12 17.73
C ARG A 78 -3.35 -12.42 17.10
N PHE A 79 -3.44 -12.39 15.77
CA PHE A 79 -4.51 -11.69 15.07
C PHE A 79 -5.27 -12.68 14.19
N SER A 80 -6.61 -12.61 14.22
CA SER A 80 -7.44 -13.69 13.72
C SER A 80 -7.84 -13.55 12.24
N HIS A 81 -7.30 -12.56 11.52
CA HIS A 81 -7.58 -12.41 10.11
C HIS A 81 -6.27 -12.40 9.31
N PRO A 82 -6.22 -13.03 8.12
CA PRO A 82 -5.07 -12.84 7.26
C PRO A 82 -5.01 -11.41 6.75
N LEU A 83 -3.79 -10.90 6.61
CA LEU A 83 -3.53 -9.64 5.91
C LEU A 83 -3.12 -9.99 4.50
N VAL A 84 -3.60 -9.21 3.52
CA VAL A 84 -3.13 -9.29 2.16
C VAL A 84 -2.57 -7.92 1.80
N PHE A 85 -1.27 -7.94 1.46
CA PHE A 85 -0.50 -6.73 1.27
C PHE A 85 -0.07 -6.58 -0.18
N TYR A 86 -0.31 -5.36 -0.71
CA TYR A 86 0.02 -5.00 -2.06
C TYR A 86 1.10 -3.91 -2.03
N HIS A 87 2.30 -4.24 -2.55
CA HIS A 87 3.40 -3.30 -2.53
C HIS A 87 3.12 -2.08 -3.41
N GLY A 88 3.75 -0.96 -3.06
CA GLY A 88 3.80 0.20 -3.91
C GLY A 88 4.95 0.17 -4.92
N GLY A 89 5.10 1.29 -5.60
CA GLY A 89 6.05 1.41 -6.71
C GLY A 89 5.49 2.04 -7.97
N GLY A 90 4.41 2.84 -7.84
CA GLY A 90 3.91 3.59 -8.98
C GLY A 90 3.22 2.73 -10.03
N PHE A 91 2.90 1.47 -9.67
CA PHE A 91 2.41 0.42 -10.55
C PHE A 91 3.47 -0.15 -11.49
N VAL A 92 4.71 0.36 -11.42
CA VAL A 92 5.76 0.03 -12.39
C VAL A 92 6.95 -0.67 -11.71
N PHE A 93 7.25 -0.31 -10.46
CA PHE A 93 8.39 -0.79 -9.71
C PHE A 93 7.92 -1.64 -8.53
N GLY A 94 8.90 -2.28 -7.88
CA GLY A 94 8.67 -2.98 -6.63
C GLY A 94 8.33 -4.46 -6.84
N ASP A 95 8.44 -5.20 -5.74
CA ASP A 95 8.13 -6.62 -5.71
C ASP A 95 8.03 -7.03 -4.24
N ILE A 96 7.84 -8.33 -4.01
CA ILE A 96 7.80 -8.87 -2.65
C ILE A 96 9.11 -8.56 -1.92
N ASP A 97 10.24 -8.61 -2.64
CA ASP A 97 11.52 -8.41 -1.98
C ASP A 97 11.74 -6.95 -1.58
N THR A 98 11.29 -6.00 -2.40
CA THR A 98 11.50 -4.60 -2.07
C THR A 98 10.74 -4.22 -0.79
N HIS A 99 9.61 -4.91 -0.54
CA HIS A 99 8.73 -4.56 0.56
C HIS A 99 8.79 -5.57 1.71
N HIS A 100 9.79 -6.48 1.67
CA HIS A 100 9.96 -7.46 2.72
C HIS A 100 10.22 -6.78 4.08
N GLY A 101 10.97 -5.67 4.09
CA GLY A 101 11.31 -5.04 5.37
C GLY A 101 10.05 -4.59 6.14
N LEU A 102 9.08 -4.06 5.38
CA LEU A 102 7.81 -3.67 5.95
C LEU A 102 6.98 -4.91 6.30
N VAL A 103 6.85 -5.86 5.36
CA VAL A 103 5.93 -6.97 5.58
C VAL A 103 6.40 -7.88 6.71
N ALA A 104 7.73 -8.11 6.81
CA ALA A 104 8.27 -8.91 7.89
C ALA A 104 7.91 -8.32 9.26
N ARG A 105 8.00 -6.99 9.36
CA ARG A 105 7.65 -6.28 10.58
C ARG A 105 6.15 -6.28 10.87
N LEU A 106 5.34 -6.07 9.82
CA LEU A 106 3.90 -6.19 10.04
C LEU A 106 3.55 -7.57 10.61
N CYS A 107 4.09 -8.62 9.98
CA CYS A 107 3.86 -9.99 10.40
C CYS A 107 4.20 -10.18 11.89
N GLN A 108 5.43 -9.83 12.25
CA GLN A 108 5.92 -10.16 13.59
C GLN A 108 5.36 -9.23 14.66
N THR A 109 5.12 -7.95 14.34
CA THR A 109 4.62 -7.00 15.33
C THR A 109 3.12 -7.18 15.58
N VAL A 110 2.37 -7.36 14.50
CA VAL A 110 0.94 -7.60 14.64
C VAL A 110 0.70 -9.02 15.16
N GLY A 111 1.58 -9.94 14.79
CA GLY A 111 1.36 -11.36 14.98
C GLY A 111 0.29 -11.87 14.02
N ALA A 112 0.44 -11.54 12.73
CA ALA A 112 -0.56 -11.85 11.72
C ALA A 112 0.12 -12.61 10.60
N THR A 113 -0.60 -13.56 9.98
CA THR A 113 -0.17 -14.08 8.71
CA THR A 113 -0.14 -14.08 8.71
C THR A 113 -0.41 -13.01 7.64
N VAL A 114 0.56 -12.81 6.77
CA VAL A 114 0.51 -11.78 5.75
C VAL A 114 0.81 -12.46 4.42
N ILE A 115 -0.02 -12.12 3.42
CA ILE A 115 0.18 -12.56 2.05
C ILE A 115 0.65 -11.35 1.25
N SER A 116 1.92 -11.35 0.86
CA SER A 116 2.51 -10.28 0.06
C SER A 116 2.40 -10.67 -1.41
N VAL A 117 1.90 -9.74 -2.24
CA VAL A 117 1.47 -10.06 -3.59
C VAL A 117 2.37 -9.43 -4.64
N ASP A 118 2.81 -10.24 -5.63
CA ASP A 118 3.56 -9.78 -6.79
CA ASP A 118 3.57 -9.77 -6.78
C ASP A 118 2.60 -9.62 -7.98
N TYR A 119 1.77 -8.58 -7.92
CA TYR A 119 0.83 -8.31 -9.01
C TYR A 119 1.59 -7.87 -10.27
N SER A 120 0.93 -7.97 -11.43
CA SER A 120 1.55 -7.62 -12.69
C SER A 120 1.81 -6.12 -12.76
N LEU A 121 3.01 -5.75 -13.23
CA LEU A 121 3.45 -4.36 -13.32
C LEU A 121 3.16 -3.80 -14.70
N ALA A 122 3.01 -2.48 -14.70
CA ALA A 122 2.90 -1.65 -15.88
C ALA A 122 4.30 -1.25 -16.37
N PRO A 123 4.52 -0.93 -17.66
CA PRO A 123 3.46 -0.90 -18.67
C PRO A 123 3.10 -2.21 -19.36
N GLU A 124 3.77 -3.31 -18.99
CA GLU A 124 3.52 -4.60 -19.60
C GLU A 124 2.06 -5.00 -19.38
N ALA A 125 1.56 -4.84 -18.15
CA ALA A 125 0.15 -4.93 -17.84
C ALA A 125 -0.39 -3.54 -17.56
N LYS A 126 -1.58 -3.25 -18.08
CA LYS A 126 -2.25 -1.96 -17.96
CA LYS A 126 -2.15 -1.94 -17.81
C LYS A 126 -3.43 -2.07 -16.98
N PHE A 127 -3.78 -0.92 -16.39
CA PHE A 127 -5.06 -0.75 -15.72
C PHE A 127 -6.15 -1.39 -16.56
N PRO A 128 -7.11 -2.16 -15.97
CA PRO A 128 -7.22 -2.48 -14.55
C PRO A 128 -6.75 -3.87 -14.14
N VAL A 129 -5.78 -4.41 -14.88
CA VAL A 129 -5.31 -5.78 -14.66
C VAL A 129 -4.90 -6.03 -13.20
N PRO A 130 -4.00 -5.24 -12.59
CA PRO A 130 -3.62 -5.52 -11.22
C PRO A 130 -4.77 -5.41 -10.22
N VAL A 131 -5.78 -4.57 -10.49
CA VAL A 131 -6.94 -4.53 -9.61
C VAL A 131 -7.61 -5.92 -9.58
N ALA A 132 -7.83 -6.48 -10.77
CA ALA A 132 -8.46 -7.79 -10.89
C ALA A 132 -7.63 -8.85 -10.17
N GLU A 133 -6.32 -8.81 -10.40
CA GLU A 133 -5.46 -9.79 -9.73
C GLU A 133 -5.51 -9.68 -8.22
N CYS A 134 -5.55 -8.44 -7.74
CA CYS A 134 -5.52 -8.20 -6.30
C CYS A 134 -6.82 -8.65 -5.62
N ILE A 135 -7.95 -8.55 -6.36
CA ILE A 135 -9.23 -9.09 -5.89
C ILE A 135 -9.13 -10.62 -5.83
N ASP A 136 -8.58 -11.24 -6.89
CA ASP A 136 -8.50 -12.69 -6.98
C ASP A 136 -7.63 -13.22 -5.83
N VAL A 137 -6.51 -12.53 -5.53
CA VAL A 137 -5.67 -13.01 -4.44
C VAL A 137 -6.38 -12.84 -3.08
N ALA A 138 -7.08 -11.72 -2.88
CA ALA A 138 -7.83 -11.54 -1.65
C ALA A 138 -8.88 -12.64 -1.49
N ARG A 139 -9.56 -13.02 -2.58
CA ARG A 139 -10.55 -14.08 -2.52
C ARG A 139 -9.94 -15.42 -2.14
N TRP A 140 -8.80 -15.71 -2.76
CA TRP A 140 -8.02 -16.90 -2.42
C TRP A 140 -7.72 -16.94 -0.93
N ALA A 141 -7.19 -15.82 -0.42
CA ALA A 141 -6.83 -15.74 1.00
C ALA A 141 -8.04 -15.98 1.90
N ALA A 142 -9.19 -15.39 1.56
CA ALA A 142 -10.40 -15.60 2.34
C ALA A 142 -10.80 -17.08 2.35
N HIS A 143 -10.65 -17.77 1.22
CA HIS A 143 -11.01 -19.18 1.11
C HIS A 143 -10.03 -20.07 1.89
N GLU A 144 -8.75 -19.70 1.94
CA GLU A 144 -7.75 -20.49 2.64
C GLU A 144 -7.82 -20.28 4.16
N ALA A 145 -8.35 -19.14 4.61
CA ALA A 145 -8.16 -18.68 5.98
C ALA A 145 -8.56 -19.76 7.00
N PRO A 146 -9.70 -20.46 6.86
CA PRO A 146 -10.07 -21.49 7.84
C PRO A 146 -9.05 -22.63 8.01
N GLY A 147 -8.28 -22.96 6.98
CA GLY A 147 -7.28 -24.01 7.09
C GLY A 147 -6.00 -23.55 7.78
N TRP A 148 -5.90 -22.22 7.99
CA TRP A 148 -4.88 -21.57 8.80
C TRP A 148 -5.38 -21.27 10.21
N GLY A 149 -6.61 -21.71 10.51
CA GLY A 149 -7.24 -21.46 11.81
C GLY A 149 -7.67 -20.01 12.00
N LEU A 150 -8.07 -19.36 10.90
CA LEU A 150 -8.34 -17.93 10.91
C LEU A 150 -9.75 -17.65 10.39
N LYS A 151 -10.23 -16.44 10.69
CA LYS A 151 -11.47 -15.92 10.13
C LYS A 151 -11.33 -15.67 8.64
N PRO A 152 -12.37 -15.92 7.82
CA PRO A 152 -12.30 -15.67 6.38
C PRO A 152 -12.19 -14.20 5.95
N SER A 153 -12.58 -13.28 6.81
CA SER A 153 -12.57 -11.89 6.42
C SER A 153 -11.14 -11.38 6.51
N ILE A 154 -10.66 -10.80 5.41
CA ILE A 154 -9.27 -10.40 5.27
C ILE A 154 -9.11 -8.92 5.57
N VAL A 155 -7.87 -8.53 5.88
CA VAL A 155 -7.46 -7.16 5.99
C VAL A 155 -6.57 -6.88 4.78
N VAL A 156 -6.94 -5.87 3.97
CA VAL A 156 -6.10 -5.49 2.84
C VAL A 156 -5.24 -4.30 3.26
N ALA A 157 -4.03 -4.23 2.69
CA ALA A 157 -3.07 -3.19 3.04
C ALA A 157 -2.19 -2.89 1.85
N GLY A 158 -1.66 -1.65 1.81
CA GLY A 158 -0.67 -1.32 0.81
C GLY A 158 -0.16 0.10 0.98
N ASP A 159 1.05 0.33 0.44
CA ASP A 159 1.64 1.66 0.42
C ASP A 159 1.55 2.28 -0.97
N SER A 160 1.13 3.55 -1.00
CA SER A 160 1.13 4.36 -2.22
C SER A 160 0.28 3.72 -3.32
N ALA A 161 0.88 3.31 -4.45
CA ALA A 161 0.15 2.58 -5.48
C ALA A 161 -0.51 1.34 -4.89
N GLY A 162 0.14 0.65 -3.95
CA GLY A 162 -0.45 -0.49 -3.27
C GLY A 162 -1.62 -0.09 -2.37
N GLY A 163 -1.59 1.12 -1.81
CA GLY A 163 -2.71 1.65 -1.04
C GLY A 163 -3.88 1.97 -1.96
N ASN A 164 -3.58 2.45 -3.16
CA ASN A 164 -4.63 2.58 -4.20
C ASN A 164 -5.30 1.22 -4.38
N LEU A 165 -4.51 0.17 -4.58
CA LEU A 165 -5.08 -1.15 -4.84
C LEU A 165 -5.91 -1.60 -3.64
N ALA A 166 -5.40 -1.44 -2.43
CA ALA A 166 -6.18 -1.83 -1.25
C ALA A 166 -7.51 -1.06 -1.20
N ALA A 167 -7.51 0.22 -1.50
CA ALA A 167 -8.70 1.04 -1.38
C ALA A 167 -9.72 0.56 -2.43
N VAL A 168 -9.24 0.25 -3.63
CA VAL A 168 -10.14 -0.15 -4.73
C VAL A 168 -10.71 -1.54 -4.42
N VAL A 169 -9.85 -2.49 -4.04
CA VAL A 169 -10.34 -3.79 -3.61
C VAL A 169 -11.44 -3.62 -2.56
N SER A 170 -11.23 -2.76 -1.57
CA SER A 170 -12.20 -2.51 -0.51
C SER A 170 -13.52 -1.97 -1.09
N GLN A 171 -13.45 -1.04 -2.07
CA GLN A 171 -14.68 -0.51 -2.67
C GLN A 171 -15.40 -1.57 -3.48
N ARG A 172 -14.68 -2.51 -4.09
CA ARG A 172 -15.28 -3.56 -4.90
C ARG A 172 -15.74 -4.76 -4.08
N ALA A 173 -15.37 -4.83 -2.79
CA ALA A 173 -15.49 -6.08 -2.06
C ALA A 173 -16.93 -6.61 -2.00
N LYS A 174 -17.92 -5.77 -1.62
CA LYS A 174 -19.28 -6.27 -1.50
C LYS A 174 -19.72 -6.85 -2.85
N ASP A 175 -19.44 -6.12 -3.93
CA ASP A 175 -19.90 -6.53 -5.25
C ASP A 175 -19.22 -7.82 -5.72
N GLU A 176 -18.01 -8.05 -5.19
CA GLU A 176 -17.23 -9.23 -5.54
C GLU A 176 -17.42 -10.36 -4.52
N SER A 177 -18.34 -10.21 -3.56
CA SER A 177 -18.58 -11.20 -2.52
C SER A 177 -17.29 -11.56 -1.78
N LEU A 178 -16.51 -10.52 -1.48
CA LEU A 178 -15.22 -10.67 -0.84
C LEU A 178 -15.32 -10.11 0.57
N PRO A 179 -15.17 -10.95 1.60
CA PRO A 179 -15.27 -10.45 2.99
C PRO A 179 -14.00 -9.73 3.43
N ILE A 180 -14.12 -8.43 3.74
CA ILE A 180 -13.00 -7.62 4.15
C ILE A 180 -13.31 -6.96 5.51
N ALA A 181 -12.45 -7.25 6.51
CA ALA A 181 -12.62 -6.75 7.86
C ALA A 181 -12.02 -5.35 8.07
N ALA A 182 -11.01 -4.96 7.26
CA ALA A 182 -10.38 -3.65 7.43
C ALA A 182 -9.47 -3.36 6.22
N GLN A 183 -9.14 -2.07 6.05
CA GLN A 183 -8.24 -1.60 5.02
C GLN A 183 -7.19 -0.70 5.67
N LEU A 184 -5.93 -0.96 5.31
CA LEU A 184 -4.80 -0.20 5.86
C LEU A 184 -4.12 0.50 4.68
N LEU A 185 -4.26 1.83 4.62
CA LEU A 185 -3.78 2.60 3.49
C LEU A 185 -2.60 3.45 3.99
N PHE A 186 -1.42 3.13 3.45
CA PHE A 186 -0.21 3.83 3.83
C PHE A 186 0.14 4.80 2.72
N TYR A 187 -0.04 6.09 3.01
CA TYR A 187 0.15 7.19 2.06
C TYR A 187 -0.30 6.80 0.65
N PRO A 188 -1.62 6.45 0.52
CA PRO A 188 -2.12 5.99 -0.76
C PRO A 188 -2.24 7.09 -1.81
N ALA A 189 -2.23 6.65 -3.07
CA ALA A 189 -2.67 7.45 -4.20
C ALA A 189 -4.15 7.15 -4.43
N LEU A 190 -5.00 8.19 -4.45
CA LEU A 190 -6.44 7.91 -4.49
C LEU A 190 -7.18 8.75 -5.51
N ASP A 191 -6.61 9.85 -5.99
CA ASP A 191 -7.33 10.77 -6.88
C ASP A 191 -6.36 11.26 -7.96
N MET A 192 -6.49 10.68 -9.15
CA MET A 192 -5.61 11.04 -10.28
C MET A 192 -6.15 12.23 -11.07
N VAL A 193 -7.33 12.78 -10.70
CA VAL A 193 -7.98 13.85 -11.44
C VAL A 193 -7.59 15.20 -10.85
N HIS A 194 -7.68 15.32 -9.51
CA HIS A 194 -7.63 16.64 -8.87
C HIS A 194 -6.24 16.96 -8.32
N GLU A 195 -5.84 18.20 -8.51
CA GLU A 195 -4.70 18.73 -7.82
C GLU A 195 -5.16 19.19 -6.44
N THR A 196 -4.35 18.88 -5.44
CA THR A 196 -4.60 19.33 -4.08
C THR A 196 -3.47 20.28 -3.69
N PRO A 197 -3.59 21.03 -2.59
CA PRO A 197 -2.48 21.88 -2.18
C PRO A 197 -1.18 21.12 -1.97
N SER A 198 -1.22 19.97 -1.29
CA SER A 198 -0.02 19.19 -1.04
C SER A 198 0.63 18.75 -2.36
N LYS A 199 -0.17 18.44 -3.37
CA LYS A 199 0.35 17.97 -4.64
C LYS A 199 1.07 19.12 -5.34
N ARG A 200 0.58 20.36 -5.15
CA ARG A 200 1.20 21.56 -5.70
CA ARG A 200 1.21 21.55 -5.71
C ARG A 200 2.48 21.89 -4.93
N ASP A 201 2.37 21.89 -3.59
CA ASP A 201 3.38 22.46 -2.72
C ASP A 201 4.57 21.53 -2.50
N PHE A 202 4.38 20.20 -2.57
CA PHE A 202 5.47 19.28 -2.29
C PHE A 202 5.82 18.47 -3.52
N ALA A 203 5.67 19.12 -4.68
CA ALA A 203 5.74 18.48 -6.00
C ALA A 203 7.15 18.03 -6.35
N ARG A 204 8.13 18.74 -5.81
CA ARG A 204 9.53 18.52 -6.15
C ARG A 204 10.37 18.51 -4.88
N GLY A 205 11.31 17.57 -4.78
CA GLY A 205 12.30 17.62 -3.70
C GLY A 205 12.01 16.74 -2.50
N TYR A 206 10.87 16.04 -2.49
CA TYR A 206 10.47 15.18 -1.37
C TYR A 206 10.29 13.72 -1.81
N LEU A 207 11.19 13.24 -2.66
CA LEU A 207 11.37 11.84 -3.04
C LEU A 207 10.37 11.45 -4.13
N LEU A 208 9.07 11.58 -3.87
CA LEU A 208 8.01 11.36 -4.86
C LEU A 208 7.73 12.68 -5.54
N GLU A 209 8.02 12.76 -6.84
CA GLU A 209 7.95 14.02 -7.54
C GLU A 209 6.92 14.00 -8.66
N ALA A 210 6.51 15.20 -9.06
CA ALA A 210 5.47 15.45 -10.05
C ALA A 210 5.72 14.71 -11.35
N ASP A 211 6.92 14.87 -11.91
CA ASP A 211 7.30 14.25 -13.18
C ASP A 211 7.13 12.74 -13.12
N ALA A 212 7.55 12.14 -12.00
CA ALA A 212 7.47 10.71 -11.82
C ALA A 212 6.02 10.24 -11.74
N MET A 213 5.20 10.94 -10.96
CA MET A 213 3.80 10.60 -10.82
C MET A 213 3.17 10.59 -12.22
N GLN A 214 3.48 11.61 -13.03
CA GLN A 214 2.92 11.73 -14.37
C GLN A 214 3.33 10.52 -15.22
N TRP A 215 4.62 10.19 -15.15
CA TRP A 215 5.13 9.07 -15.92
C TRP A 215 4.49 7.74 -15.49
N PHE A 216 4.34 7.52 -14.17
CA PHE A 216 3.70 6.32 -13.68
C PHE A 216 2.30 6.19 -14.29
N GLY A 217 1.55 7.31 -14.30
CA GLY A 217 0.22 7.32 -14.89
C GLY A 217 0.24 6.94 -16.36
N GLU A 218 1.25 7.44 -17.10
CA GLU A 218 1.40 7.13 -18.51
C GLU A 218 1.66 5.63 -18.71
N GLN A 219 2.34 4.99 -17.76
CA GLN A 219 2.66 3.58 -17.91
C GLN A 219 1.44 2.73 -17.58
N TYR A 220 0.71 3.12 -16.52
CA TYR A 220 -0.35 2.30 -15.97
C TYR A 220 -1.66 2.43 -16.74
N LEU A 221 -2.07 3.67 -17.05
CA LEU A 221 -3.38 3.91 -17.62
C LEU A 221 -3.35 3.57 -19.11
N ARG A 222 -4.54 3.21 -19.65
CA ARG A 222 -4.66 2.90 -21.06
C ARG A 222 -4.71 4.19 -21.89
N THR A 223 -5.56 5.13 -21.45
CA THR A 223 -5.69 6.45 -22.06
C THR A 223 -5.84 7.48 -20.95
N PRO A 224 -5.60 8.78 -21.22
CA PRO A 224 -5.77 9.81 -20.18
C PRO A 224 -7.15 9.87 -19.51
N ASP A 225 -8.20 9.36 -20.18
CA ASP A 225 -9.54 9.42 -19.63
CA ASP A 225 -9.55 9.43 -19.63
C ASP A 225 -9.68 8.48 -18.43
N ASP A 226 -8.77 7.50 -18.30
CA ASP A 226 -8.88 6.52 -17.22
C ASP A 226 -8.70 7.17 -15.85
N VAL A 227 -8.16 8.40 -15.76
CA VAL A 227 -7.96 9.05 -14.47
C VAL A 227 -9.29 9.21 -13.73
N SER A 228 -10.41 9.28 -14.46
CA SER A 228 -11.69 9.50 -13.82
CA SER A 228 -11.72 9.49 -13.87
C SER A 228 -12.43 8.19 -13.50
N HIS A 229 -11.86 7.04 -13.88
CA HIS A 229 -12.46 5.75 -13.60
C HIS A 229 -12.38 5.52 -12.08
N PRO A 230 -13.42 5.08 -11.34
CA PRO A 230 -13.27 4.89 -9.88
C PRO A 230 -12.30 3.78 -9.48
N TRP A 231 -12.00 2.85 -10.39
CA TRP A 231 -11.01 1.83 -10.08
C TRP A 231 -9.58 2.38 -10.19
N ALA A 232 -9.39 3.56 -10.79
CA ALA A 232 -8.12 4.28 -10.77
C ALA A 232 -8.10 5.34 -9.69
N SER A 233 -9.22 6.03 -9.50
CA SER A 233 -9.33 7.16 -8.57
C SER A 233 -10.46 6.88 -7.59
N PRO A 234 -10.26 5.98 -6.61
CA PRO A 234 -11.31 5.60 -5.66
C PRO A 234 -11.88 6.77 -4.85
N ALA A 235 -11.12 7.85 -4.69
CA ALA A 235 -11.64 9.01 -3.98
C ALA A 235 -12.83 9.65 -4.69
N LEU A 236 -13.04 9.34 -5.99
CA LEU A 236 -14.17 9.92 -6.73
C LEU A 236 -15.47 9.22 -6.40
N SER A 237 -15.43 8.07 -5.75
CA SER A 237 -16.65 7.29 -5.52
C SER A 237 -17.61 8.04 -4.60
N PRO A 238 -18.88 8.28 -5.02
CA PRO A 238 -19.75 9.11 -4.21
C PRO A 238 -20.32 8.47 -2.96
N ASP A 239 -20.38 7.12 -2.93
CA ASP A 239 -20.96 6.43 -1.77
C ASP A 239 -19.93 5.55 -1.10
N LEU A 240 -19.49 6.00 0.07
CA LEU A 240 -18.48 5.28 0.86
C LEU A 240 -19.12 4.55 2.04
N THR A 241 -20.47 4.57 2.13
CA THR A 241 -21.11 3.92 3.28
C THR A 241 -20.82 2.40 3.28
N GLY A 242 -20.64 1.84 4.49
CA GLY A 242 -20.50 0.41 4.66
C GLY A 242 -19.14 -0.18 4.26
N LEU A 243 -18.17 0.67 3.87
CA LEU A 243 -16.85 0.20 3.52
C LEU A 243 -16.14 -0.33 4.77
N PRO A 244 -15.04 -1.10 4.59
CA PRO A 244 -14.31 -1.67 5.73
C PRO A 244 -13.65 -0.60 6.59
N PRO A 245 -13.67 -0.79 7.92
CA PRO A 245 -12.88 0.05 8.83
C PRO A 245 -11.51 0.36 8.22
N ALA A 246 -11.10 1.63 8.35
CA ALA A 246 -9.91 2.12 7.65
C ALA A 246 -8.91 2.79 8.58
N LEU A 247 -7.62 2.43 8.39
CA LEU A 247 -6.50 3.17 8.94
C LEU A 247 -5.82 3.87 7.78
N VAL A 248 -5.76 5.20 7.84
CA VAL A 248 -5.16 5.98 6.78
C VAL A 248 -3.97 6.75 7.35
N ILE A 249 -2.78 6.31 6.95
CA ILE A 249 -1.55 6.93 7.44
C ILE A 249 -1.00 7.83 6.34
N THR A 250 -0.74 9.11 6.69
CA THR A 250 -0.13 10.04 5.76
C THR A 250 1.20 10.59 6.30
N ALA A 251 1.97 11.16 5.38
CA ALA A 251 3.21 11.90 5.74
C ALA A 251 2.98 13.38 5.48
N GLU A 252 3.49 14.24 6.38
CA GLU A 252 3.25 15.67 6.26
C GLU A 252 3.71 16.27 4.92
N TYR A 253 4.87 15.84 4.42
CA TYR A 253 5.50 16.47 3.26
C TYR A 253 5.48 15.55 2.06
N ASP A 254 4.29 15.02 1.77
CA ASP A 254 4.01 14.07 0.71
C ASP A 254 3.00 14.74 -0.22
N PRO A 255 3.26 14.83 -1.55
CA PRO A 255 2.28 15.37 -2.46
C PRO A 255 0.93 14.65 -2.29
N LEU A 256 0.95 13.35 -1.96
CA LEU A 256 -0.30 12.57 -1.86
C LEU A 256 -1.03 12.82 -0.54
N ARG A 257 -0.45 13.62 0.38
CA ARG A 257 -1.02 13.76 1.71
C ARG A 257 -2.50 14.15 1.66
N ASP A 258 -2.81 15.23 0.94
CA ASP A 258 -4.13 15.84 1.05
C ASP A 258 -5.23 14.92 0.53
N GLU A 259 -4.98 14.18 -0.55
CA GLU A 259 -6.00 13.26 -1.04
C GLU A 259 -6.20 12.13 -0.06
N GLY A 260 -5.13 11.66 0.61
CA GLY A 260 -5.26 10.62 1.63
C GLY A 260 -6.12 11.10 2.81
N GLU A 261 -5.80 12.29 3.31
CA GLU A 261 -6.49 12.82 4.47
C GLU A 261 -7.95 13.14 4.10
N ALA A 262 -8.19 13.63 2.88
CA ALA A 262 -9.56 13.95 2.48
C ALA A 262 -10.40 12.67 2.37
N TYR A 263 -9.79 11.60 1.87
CA TYR A 263 -10.50 10.33 1.79
C TYR A 263 -10.84 9.82 3.19
N ALA A 264 -9.89 9.94 4.12
CA ALA A 264 -10.18 9.53 5.48
C ALA A 264 -11.36 10.31 6.08
N GLU A 265 -11.43 11.62 5.81
CA GLU A 265 -12.54 12.45 6.31
C GLU A 265 -13.85 12.02 5.68
N ALA A 266 -13.81 11.67 4.39
CA ALA A 266 -15.01 11.23 3.68
C ALA A 266 -15.50 9.89 4.23
N LEU A 267 -14.57 8.96 4.51
CA LEU A 267 -14.93 7.69 5.13
C LEU A 267 -15.58 7.95 6.48
N ARG A 268 -14.97 8.79 7.30
CA ARG A 268 -15.43 9.07 8.66
C ARG A 268 -16.89 9.58 8.59
N ALA A 269 -17.13 10.53 7.69
CA ALA A 269 -18.45 11.14 7.54
C ALA A 269 -19.46 10.17 6.92
N ALA A 270 -18.99 9.12 6.27
CA ALA A 270 -19.84 8.05 5.74
C ALA A 270 -20.07 6.95 6.77
N GLY A 271 -19.69 7.16 8.03
CA GLY A 271 -19.98 6.19 9.09
C GLY A 271 -19.00 5.02 9.16
N VAL A 272 -17.90 5.08 8.39
CA VAL A 272 -16.88 4.05 8.37
C VAL A 272 -15.96 4.32 9.56
N PRO A 273 -15.74 3.34 10.45
CA PRO A 273 -14.78 3.52 11.54
C PRO A 273 -13.42 3.77 10.90
N THR A 274 -12.83 4.95 11.24
CA THR A 274 -11.64 5.44 10.55
C THR A 274 -10.67 6.00 11.57
N GLU A 275 -9.42 5.64 11.43
CA GLU A 275 -8.32 6.27 12.13
C GLU A 275 -7.43 6.95 11.10
N GLN A 276 -7.19 8.25 11.28
CA GLN A 276 -6.41 9.06 10.37
C GLN A 276 -5.18 9.54 11.15
N ILE A 277 -3.98 9.18 10.71
CA ILE A 277 -2.76 9.57 11.40
C ILE A 277 -1.79 10.19 10.40
N ARG A 278 -1.47 11.46 10.61
CA ARG A 278 -0.41 12.14 9.87
C ARG A 278 0.87 12.05 10.72
N PHE A 279 1.93 11.54 10.09
CA PHE A 279 3.25 11.57 10.71
C PHE A 279 3.92 12.87 10.28
N ASP A 280 4.08 13.77 11.24
CA ASP A 280 4.64 15.09 11.00
C ASP A 280 6.14 15.04 10.71
N GLY A 281 6.58 15.93 9.84
CA GLY A 281 7.98 16.00 9.46
C GLY A 281 8.43 14.87 8.53
N MET A 282 7.53 13.97 8.09
CA MET A 282 7.91 12.81 7.31
C MET A 282 7.59 13.02 5.82
N ILE A 283 8.15 12.15 4.99
CA ILE A 283 8.01 12.16 3.55
C ILE A 283 7.31 10.88 3.11
N HIS A 284 6.82 10.93 1.87
CA HIS A 284 6.30 9.75 1.21
C HIS A 284 7.28 8.60 1.29
N GLY A 285 6.83 7.38 1.51
CA GLY A 285 7.72 6.22 1.42
C GLY A 285 8.29 5.80 2.76
N PHE A 286 7.97 6.51 3.84
CA PHE A 286 8.72 6.31 5.08
C PHE A 286 8.51 4.95 5.71
N MET A 287 7.42 4.24 5.35
CA MET A 287 7.13 2.94 5.95
C MET A 287 7.86 1.79 5.24
N THR A 288 8.68 2.08 4.22
CA THR A 288 9.63 1.13 3.68
C THR A 288 11.06 1.64 3.84
N MET A 289 11.27 2.56 4.79
CA MET A 289 12.57 3.21 4.98
C MET A 289 12.98 3.08 6.45
N PRO A 290 13.57 1.91 6.83
CA PRO A 290 13.73 1.58 8.25
C PRO A 290 14.85 2.36 8.97
N ILE A 291 15.51 3.25 8.22
CA ILE A 291 16.35 4.28 8.83
C ILE A 291 15.57 5.27 9.68
N PHE A 292 14.24 5.35 9.49
CA PHE A 292 13.43 6.27 10.27
C PHE A 292 12.65 5.52 11.33
N PRO A 293 12.78 5.88 12.62
CA PRO A 293 12.01 5.23 13.67
C PRO A 293 10.50 5.34 13.48
N GLN A 294 10.06 6.34 12.70
CA GLN A 294 8.64 6.54 12.45
C GLN A 294 8.05 5.33 11.71
N MET A 295 8.86 4.59 10.96
CA MET A 295 8.40 3.38 10.30
C MET A 295 7.86 2.39 11.31
N GLU A 296 8.64 2.07 12.35
CA GLU A 296 8.17 1.19 13.41
C GLU A 296 6.99 1.80 14.19
N ALA A 297 6.96 3.11 14.40
CA ALA A 297 5.85 3.75 15.09
C ALA A 297 4.57 3.52 14.31
N ALA A 298 4.65 3.62 12.98
CA ALA A 298 3.47 3.42 12.12
C ALA A 298 3.04 1.96 12.13
N ILE A 299 3.99 1.03 12.19
CA ILE A 299 3.67 -0.39 12.34
C ILE A 299 2.98 -0.66 13.67
N GLU A 300 3.39 0.01 14.73
CA GLU A 300 2.72 -0.12 16.03
CA GLU A 300 2.72 -0.10 16.03
C GLU A 300 1.31 0.46 15.92
N ALA A 301 1.14 1.54 15.17
CA ALA A 301 -0.21 2.08 14.94
C ALA A 301 -1.11 1.03 14.27
N VAL A 302 -0.55 0.30 13.31
CA VAL A 302 -1.28 -0.78 12.65
C VAL A 302 -1.73 -1.80 13.70
N ALA A 303 -0.80 -2.27 14.53
CA ALA A 303 -1.12 -3.28 15.55
C ALA A 303 -2.24 -2.79 16.47
N ARG A 304 -2.13 -1.52 16.94
CA ARG A 304 -3.13 -0.95 17.85
C ARG A 304 -4.50 -0.84 17.18
N PHE A 305 -4.50 -0.45 15.90
CA PHE A 305 -5.74 -0.36 15.13
C PHE A 305 -6.39 -1.74 15.02
N LEU A 306 -5.56 -2.74 14.65
CA LEU A 306 -6.10 -4.08 14.41
C LEU A 306 -6.60 -4.73 15.69
N GLU A 307 -6.08 -4.33 16.87
CA GLU A 307 -6.57 -4.81 18.15
C GLU A 307 -8.04 -4.46 18.33
N ARG A 308 -8.48 -3.39 17.66
CA ARG A 308 -9.84 -2.90 17.82
C ARG A 308 -10.84 -3.52 16.84
N ILE A 309 -10.37 -4.35 15.89
CA ILE A 309 -11.21 -4.91 14.83
C ILE A 309 -12.04 -6.06 15.40
N ASP A 310 -11.48 -6.75 16.38
CA ASP A 310 -12.24 -7.75 17.10
C ASP A 310 -12.23 -7.38 18.59
#